data_1MII
#
_entry.id   1MII
#
_cell.length_a   1.000
_cell.length_b   1.000
_cell.length_c   1.000
_cell.angle_alpha   90.00
_cell.angle_beta   90.00
_cell.angle_gamma   90.00
#
_symmetry.space_group_name_H-M   'P 1'
#
_entity_poly.entity_id   1
_entity_poly.type   'polypeptide(L)'
_entity_poly.pdbx_seq_one_letter_code
;GCCSNPVCHLEHSNLC(NH2)
;
_entity_poly.pdbx_strand_id   A
#
# COMPACT_ATOMS: atom_id res chain seq x y z
N GLY A 1 -5.29 -4.07 -5.00
CA GLY A 1 -4.57 -2.81 -5.30
C GLY A 1 -3.42 -2.62 -4.37
N CYS A 2 -2.49 -1.84 -4.83
CA CYS A 2 -1.24 -1.53 -4.06
C CYS A 2 -1.51 -1.01 -2.66
N CYS A 3 -2.58 -0.27 -2.59
CA CYS A 3 -2.99 0.32 -1.30
C CYS A 3 -3.63 -0.69 -0.37
N SER A 4 -4.25 -1.67 -0.94
CA SER A 4 -4.93 -2.70 -0.14
C SER A 4 -4.02 -3.91 0.02
N ASN A 5 -2.88 -3.75 -0.61
CA ASN A 5 -1.82 -4.79 -0.61
C ASN A 5 -1.10 -4.65 0.73
N PRO A 6 -0.24 -5.56 1.06
CA PRO A 6 0.57 -5.47 2.28
C PRO A 6 1.86 -4.72 2.05
N VAL A 7 2.62 -5.31 1.18
CA VAL A 7 3.94 -4.77 0.80
C VAL A 7 3.83 -3.49 0.03
N CYS A 8 2.88 -3.53 -0.85
CA CYS A 8 2.64 -2.34 -1.70
C CYS A 8 1.97 -1.27 -0.85
N HIS A 9 1.42 -1.66 0.26
CA HIS A 9 0.76 -0.64 1.14
C HIS A 9 1.83 -0.14 2.11
N LEU A 10 2.79 -0.99 2.35
CA LEU A 10 3.91 -0.69 3.25
C LEU A 10 4.64 0.45 2.55
N GLU A 11 4.96 0.15 1.32
CA GLU A 11 5.65 1.11 0.45
C GLU A 11 4.74 2.33 0.19
N HIS A 12 3.50 2.04 -0.12
CA HIS A 12 2.49 3.09 -0.41
C HIS A 12 1.41 3.20 0.70
N SER A 13 1.90 3.59 1.85
CA SER A 13 1.06 3.78 3.06
C SER A 13 0.64 5.26 3.06
N ASN A 14 0.79 5.82 1.90
CA ASN A 14 0.47 7.24 1.63
C ASN A 14 -0.96 7.25 1.15
N LEU A 15 -1.04 6.61 0.02
CA LEU A 15 -2.31 6.43 -0.72
C LEU A 15 -3.34 5.81 0.22
N CYS A 16 -2.91 4.72 0.80
CA CYS A 16 -3.75 3.96 1.73
C CYS A 16 -3.41 4.32 3.18
N GLY A 1 -5.79 -3.48 -4.41
CA GLY A 1 -4.66 -2.97 -5.22
C GLY A 1 -3.46 -2.75 -4.35
N CYS A 2 -2.53 -2.00 -4.87
CA CYS A 2 -1.26 -1.68 -4.14
C CYS A 2 -1.51 -1.11 -2.74
N CYS A 3 -2.53 -0.33 -2.69
CA CYS A 3 -2.93 0.29 -1.41
C CYS A 3 -3.59 -0.70 -0.47
N SER A 4 -4.20 -1.69 -1.04
CA SER A 4 -4.90 -2.70 -0.22
C SER A 4 -3.99 -3.92 -0.04
N ASN A 5 -2.85 -3.78 -0.65
CA ASN A 5 -1.79 -4.82 -0.61
C ASN A 5 -1.07 -4.65 0.73
N PRO A 6 -0.22 -5.56 1.07
CA PRO A 6 0.58 -5.44 2.29
C PRO A 6 1.86 -4.69 2.06
N VAL A 7 2.64 -5.30 1.20
CA VAL A 7 3.95 -4.76 0.83
C VAL A 7 3.86 -3.48 0.03
N CYS A 8 2.92 -3.53 -0.85
CA CYS A 8 2.68 -2.37 -1.73
C CYS A 8 2.03 -1.27 -0.90
N HIS A 9 1.45 -1.66 0.21
CA HIS A 9 0.80 -0.63 1.08
C HIS A 9 1.85 -0.14 2.08
N LEU A 10 2.80 -1.00 2.32
CA LEU A 10 3.91 -0.72 3.24
C LEU A 10 4.64 0.43 2.58
N GLU A 11 4.96 0.17 1.34
CA GLU A 11 5.66 1.15 0.51
C GLU A 11 4.75 2.36 0.27
N HIS A 12 3.53 2.08 -0.10
CA HIS A 12 2.51 3.12 -0.38
C HIS A 12 1.42 3.22 0.71
N SER A 13 1.88 3.59 1.87
CA SER A 13 1.03 3.77 3.09
C SER A 13 0.60 5.24 3.10
N ASN A 14 0.77 5.83 1.96
CA ASN A 14 0.46 7.25 1.70
C ASN A 14 -0.96 7.27 1.20
N LEU A 15 -1.03 6.67 0.06
CA LEU A 15 -2.28 6.50 -0.70
C LEU A 15 -3.32 5.86 0.20
N CYS A 16 -2.91 4.75 0.75
CA CYS A 16 -3.77 3.97 1.66
C CYS A 16 -3.46 4.30 3.12
N GLY A 1 -5.80 -3.42 -4.41
CA GLY A 1 -4.66 -2.92 -5.21
C GLY A 1 -3.46 -2.71 -4.34
N CYS A 2 -2.52 -1.96 -4.86
CA CYS A 2 -1.25 -1.65 -4.13
C CYS A 2 -1.50 -1.09 -2.73
N CYS A 3 -2.54 -0.32 -2.67
CA CYS A 3 -2.94 0.29 -1.40
C CYS A 3 -3.58 -0.70 -0.46
N SER A 4 -4.21 -1.70 -1.03
CA SER A 4 -4.89 -2.72 -0.22
C SER A 4 -3.98 -3.92 -0.03
N ASN A 5 -2.85 -3.78 -0.64
CA ASN A 5 -1.78 -4.82 -0.62
C ASN A 5 -1.07 -4.66 0.72
N PRO A 6 -0.21 -5.56 1.07
CA PRO A 6 0.60 -5.46 2.28
C PRO A 6 1.87 -4.71 2.05
N VAL A 7 2.64 -5.31 1.19
CA VAL A 7 3.97 -4.76 0.81
C VAL A 7 3.87 -3.49 0.04
N CYS A 8 2.93 -3.53 -0.86
CA CYS A 8 2.69 -2.36 -1.73
C CYS A 8 2.04 -1.27 -0.89
N HIS A 9 1.45 -1.66 0.22
CA HIS A 9 0.80 -0.64 1.10
C HIS A 9 1.85 -0.15 2.09
N LEU A 10 2.80 -1.00 2.34
CA LEU A 10 3.91 -0.72 3.26
C LEU A 10 4.64 0.43 2.59
N GLU A 11 4.96 0.16 1.35
CA GLU A 11 5.67 1.13 0.51
C GLU A 11 4.75 2.35 0.27
N HIS A 12 3.51 2.06 -0.09
CA HIS A 12 2.50 3.11 -0.37
C HIS A 12 1.40 3.21 0.72
N SER A 13 1.87 3.59 1.87
CA SER A 13 1.03 3.77 3.08
C SER A 13 0.60 5.24 3.09
N ASN A 14 0.77 5.83 1.93
CA ASN A 14 0.46 7.24 1.68
C ASN A 14 -0.96 7.26 1.18
N LEU A 15 -1.04 6.65 0.03
CA LEU A 15 -2.29 6.48 -0.72
C LEU A 15 -3.33 5.85 0.18
N CYS A 16 -2.92 4.73 0.76
CA CYS A 16 -3.77 3.97 1.67
C CYS A 16 -3.46 4.31 3.13
N GLY A 1 -5.79 -3.48 -4.41
CA GLY A 1 -4.66 -2.96 -5.22
C GLY A 1 -3.47 -2.74 -4.35
N CYS A 2 -2.53 -2.00 -4.87
CA CYS A 2 -1.26 -1.68 -4.14
C CYS A 2 -1.51 -1.11 -2.74
N CYS A 3 -2.55 -0.33 -2.69
CA CYS A 3 -2.93 0.29 -1.41
C CYS A 3 -3.59 -0.70 -0.47
N SER A 4 -4.20 -1.70 -1.04
CA SER A 4 -4.90 -2.71 -0.22
C SER A 4 -3.99 -3.92 -0.04
N ASN A 5 -2.85 -3.78 -0.65
CA ASN A 5 -1.79 -4.83 -0.61
C ASN A 5 -1.08 -4.64 0.72
N PRO A 6 -0.22 -5.56 1.08
CA PRO A 6 0.58 -5.44 2.29
C PRO A 6 1.86 -4.69 2.06
N VAL A 7 2.64 -5.30 1.21
CA VAL A 7 3.95 -4.76 0.83
C VAL A 7 3.86 -3.48 0.03
N CYS A 8 2.92 -3.53 -0.85
CA CYS A 8 2.68 -2.37 -1.73
C CYS A 8 2.03 -1.27 -0.90
N HIS A 9 1.45 -1.66 0.21
CA HIS A 9 0.79 -0.63 1.09
C HIS A 9 1.85 -0.14 2.08
N LEU A 10 2.80 -1.00 2.32
CA LEU A 10 3.91 -0.72 3.24
C LEU A 10 4.64 0.44 2.58
N GLU A 11 4.96 0.17 1.34
CA GLU A 11 5.67 1.16 0.51
C GLU A 11 4.75 2.37 0.27
N HIS A 12 3.53 2.08 -0.10
CA HIS A 12 2.51 3.13 -0.38
C HIS A 12 1.42 3.22 0.71
N SER A 13 1.88 3.59 1.87
CA SER A 13 1.04 3.77 3.08
C SER A 13 0.61 5.24 3.09
N ASN A 14 0.77 5.83 1.95
CA ASN A 14 0.47 7.25 1.69
C ASN A 14 -0.96 7.27 1.20
N LEU A 15 -1.03 6.66 0.05
CA LEU A 15 -2.29 6.50 -0.71
C LEU A 15 -3.32 5.85 0.20
N CYS A 16 -2.91 4.74 0.75
CA CYS A 16 -3.77 3.97 1.66
C CYS A 16 -3.45 4.30 3.12
N GLY A 1 -5.79 -3.48 -4.41
CA GLY A 1 -4.66 -2.97 -5.22
C GLY A 1 -3.46 -2.76 -4.35
N CYS A 2 -2.53 -2.00 -4.87
CA CYS A 2 -1.26 -1.68 -4.14
C CYS A 2 -1.51 -1.12 -2.74
N CYS A 3 -2.53 -0.33 -2.69
CA CYS A 3 -2.93 0.29 -1.41
C CYS A 3 -3.59 -0.70 -0.47
N SER A 4 -4.20 -1.70 -1.04
CA SER A 4 -4.89 -2.71 -0.23
C SER A 4 -3.99 -3.92 -0.04
N ASN A 5 -2.85 -3.78 -0.65
CA ASN A 5 -1.79 -4.83 -0.61
C ASN A 5 -1.07 -4.65 0.73
N PRO A 6 -0.22 -5.56 1.08
CA PRO A 6 0.58 -5.44 2.29
C PRO A 6 1.86 -4.69 2.06
N VAL A 7 2.64 -5.30 1.21
CA VAL A 7 3.95 -4.76 0.83
C VAL A 7 3.86 -3.48 0.03
N CYS A 8 2.92 -3.53 -0.85
CA CYS A 8 2.68 -2.37 -1.73
C CYS A 8 2.03 -1.28 -0.90
N HIS A 9 1.45 -1.66 0.21
CA HIS A 9 0.79 -0.63 1.09
C HIS A 9 1.85 -0.14 2.08
N LEU A 10 2.80 -1.00 2.32
CA LEU A 10 3.91 -0.72 3.24
C LEU A 10 4.64 0.44 2.58
N GLU A 11 4.96 0.17 1.34
CA GLU A 11 5.67 1.16 0.51
C GLU A 11 4.75 2.37 0.27
N HIS A 12 3.52 2.08 -0.11
CA HIS A 12 2.51 3.13 -0.38
C HIS A 12 1.42 3.22 0.71
N SER A 13 1.88 3.59 1.87
CA SER A 13 1.03 3.77 3.09
C SER A 13 0.60 5.24 3.10
N ASN A 14 0.77 5.83 1.96
CA ASN A 14 0.46 7.25 1.70
C ASN A 14 -0.96 7.28 1.21
N LEU A 15 -1.03 6.67 0.06
CA LEU A 15 -2.28 6.50 -0.70
C LEU A 15 -3.32 5.86 0.20
N CYS A 16 -2.91 4.75 0.75
CA CYS A 16 -3.77 3.97 1.66
C CYS A 16 -3.46 4.30 3.12
N GLY A 1 -5.79 -3.47 -4.41
CA GLY A 1 -4.66 -2.96 -5.22
C GLY A 1 -3.46 -2.75 -4.35
N CYS A 2 -2.52 -1.99 -4.87
CA CYS A 2 -1.25 -1.67 -4.14
C CYS A 2 -1.51 -1.11 -2.74
N CYS A 3 -2.54 -0.33 -2.68
CA CYS A 3 -2.93 0.29 -1.41
C CYS A 3 -3.59 -0.70 -0.47
N SER A 4 -4.21 -1.70 -1.04
CA SER A 4 -4.91 -2.71 -0.24
C SER A 4 -3.99 -3.92 -0.04
N ASN A 5 -2.85 -3.78 -0.65
CA ASN A 5 -1.79 -4.82 -0.61
C ASN A 5 -1.08 -4.64 0.72
N PRO A 6 -0.22 -5.56 1.08
CA PRO A 6 0.59 -5.44 2.29
C PRO A 6 1.86 -4.69 2.06
N VAL A 7 2.64 -5.30 1.21
CA VAL A 7 3.95 -4.76 0.83
C VAL A 7 3.86 -3.48 0.03
N CYS A 8 2.92 -3.53 -0.86
CA CYS A 8 2.68 -2.37 -1.73
C CYS A 8 2.03 -1.27 -0.90
N HIS A 9 1.45 -1.65 0.21
CA HIS A 9 0.80 -0.63 1.10
C HIS A 9 1.85 -0.14 2.08
N LEU A 10 2.80 -1.00 2.33
CA LEU A 10 3.92 -0.72 3.25
C LEU A 10 4.65 0.43 2.59
N GLU A 11 4.97 0.16 1.35
CA GLU A 11 5.66 1.15 0.51
C GLU A 11 4.75 2.36 0.27
N HIS A 12 3.53 2.08 -0.10
CA HIS A 12 2.51 3.13 -0.38
C HIS A 12 1.42 3.22 0.71
N SER A 13 1.88 3.59 1.87
CA SER A 13 1.04 3.77 3.08
C SER A 13 0.61 5.25 3.09
N ASN A 14 0.77 5.83 1.95
CA ASN A 14 0.45 7.25 1.69
C ASN A 14 -0.97 7.27 1.20
N LEU A 15 -1.04 6.66 0.04
CA LEU A 15 -2.29 6.49 -0.71
C LEU A 15 -3.32 5.85 0.20
N CYS A 16 -2.91 4.74 0.76
CA CYS A 16 -3.77 3.97 1.66
C CYS A 16 -3.45 4.30 3.12
N GLY A 1 -5.77 -3.33 -4.47
CA GLY A 1 -4.61 -2.83 -5.23
C GLY A 1 -3.43 -2.64 -4.36
N CYS A 2 -2.47 -1.89 -4.85
CA CYS A 2 -1.20 -1.60 -4.11
C CYS A 2 -1.47 -1.06 -2.70
N CYS A 3 -2.52 -0.30 -2.64
CA CYS A 3 -2.94 0.29 -1.35
C CYS A 3 -3.59 -0.71 -0.43
N SER A 4 -4.22 -1.70 -1.01
CA SER A 4 -4.91 -2.72 -0.21
C SER A 4 -3.99 -3.93 -0.04
N ASN A 5 -2.85 -3.78 -0.64
CA ASN A 5 -1.78 -4.82 -0.62
C ASN A 5 -1.07 -4.66 0.72
N PRO A 6 -0.21 -5.57 1.07
CA PRO A 6 0.59 -5.47 2.28
C PRO A 6 1.87 -4.72 2.07
N VAL A 7 2.64 -5.31 1.21
CA VAL A 7 3.96 -4.77 0.82
C VAL A 7 3.86 -3.49 0.05
N CYS A 8 2.92 -3.53 -0.84
CA CYS A 8 2.67 -2.36 -1.69
C CYS A 8 2.00 -1.28 -0.86
N HIS A 9 1.44 -1.67 0.25
CA HIS A 9 0.78 -0.66 1.13
C HIS A 9 1.83 -0.14 2.11
N LEU A 10 2.80 -0.99 2.36
CA LEU A 10 3.91 -0.69 3.26
C LEU A 10 4.63 0.46 2.57
N GLU A 11 4.96 0.15 1.34
CA GLU A 11 5.67 1.11 0.48
C GLU A 11 4.75 2.33 0.20
N HIS A 12 3.50 2.05 -0.10
CA HIS A 12 2.49 3.09 -0.39
C HIS A 12 1.40 3.19 0.70
N SER A 13 1.88 3.59 1.86
CA SER A 13 1.04 3.77 3.08
C SER A 13 0.61 5.24 3.07
N ASN A 14 0.77 5.82 1.91
CA ASN A 14 0.45 7.23 1.63
C ASN A 14 -0.98 7.25 1.15
N LEU A 15 -1.05 6.61 0.01
CA LEU A 15 -2.31 6.43 -0.74
C LEU A 15 -3.34 5.80 0.19
N CYS A 16 -2.92 4.70 0.76
CA CYS A 16 -3.76 3.95 1.68
C CYS A 16 -3.45 4.30 3.14
N GLY A 1 -5.34 -4.20 -4.96
CA GLY A 1 -4.63 -2.94 -5.27
C GLY A 1 -3.47 -2.73 -4.37
N CYS A 2 -2.54 -1.96 -4.85
CA CYS A 2 -1.29 -1.63 -4.11
C CYS A 2 -1.54 -1.06 -2.71
N CYS A 3 -2.59 -0.30 -2.65
CA CYS A 3 -2.97 0.31 -1.36
C CYS A 3 -3.61 -0.67 -0.41
N SER A 4 -4.24 -1.67 -0.96
CA SER A 4 -4.92 -2.68 -0.14
C SER A 4 -4.02 -3.90 0.03
N ASN A 5 -2.89 -3.76 -0.61
CA ASN A 5 -1.83 -4.80 -0.60
C ASN A 5 -1.09 -4.64 0.73
N PRO A 6 -0.24 -5.55 1.07
CA PRO A 6 0.57 -5.45 2.28
C PRO A 6 1.86 -4.70 2.05
N VAL A 7 2.62 -5.30 1.17
CA VAL A 7 3.94 -4.76 0.78
C VAL A 7 3.83 -3.48 0.01
N CYS A 8 2.89 -3.53 -0.88
CA CYS A 8 2.64 -2.36 -1.74
C CYS A 8 2.01 -1.26 -0.90
N HIS A 9 1.43 -1.65 0.21
CA HIS A 9 0.79 -0.63 1.10
C HIS A 9 1.85 -0.14 2.09
N LEU A 10 2.80 -1.00 2.32
CA LEU A 10 3.92 -0.73 3.24
C LEU A 10 4.65 0.42 2.57
N GLU A 11 4.96 0.16 1.33
CA GLU A 11 5.66 1.14 0.49
C GLU A 11 4.74 2.36 0.26
N HIS A 12 3.52 2.07 -0.11
CA HIS A 12 2.50 3.13 -0.38
C HIS A 12 1.42 3.22 0.71
N SER A 13 1.90 3.60 1.87
CA SER A 13 1.06 3.77 3.09
C SER A 13 0.63 5.25 3.10
N ASN A 14 0.79 5.84 1.94
CA ASN A 14 0.48 7.26 1.69
C ASN A 14 -0.94 7.28 1.21
N LEU A 15 -1.02 6.67 0.06
CA LEU A 15 -2.28 6.51 -0.69
C LEU A 15 -3.32 5.88 0.23
N CYS A 16 -2.90 4.77 0.78
CA CYS A 16 -3.76 4.00 1.69
C CYS A 16 -3.44 4.33 3.16
N GLY A 1 -5.79 -3.48 -4.42
CA GLY A 1 -4.66 -2.96 -5.22
C GLY A 1 -3.46 -2.74 -4.35
N CYS A 2 -2.51 -1.99 -4.87
CA CYS A 2 -1.25 -1.67 -4.14
C CYS A 2 -1.51 -1.11 -2.74
N CYS A 3 -2.54 -0.33 -2.68
CA CYS A 3 -2.93 0.29 -1.41
C CYS A 3 -3.59 -0.70 -0.47
N SER A 4 -4.20 -1.69 -1.04
CA SER A 4 -4.90 -2.70 -0.22
C SER A 4 -3.99 -3.92 -0.04
N ASN A 5 -2.85 -3.78 -0.65
CA ASN A 5 -1.79 -4.82 -0.61
C ASN A 5 -1.08 -4.64 0.72
N PRO A 6 -0.22 -5.56 1.07
CA PRO A 6 0.58 -5.44 2.29
C PRO A 6 1.86 -4.69 2.06
N VAL A 7 2.64 -5.30 1.21
CA VAL A 7 3.96 -4.76 0.83
C VAL A 7 3.86 -3.49 0.03
N CYS A 8 2.92 -3.54 -0.85
CA CYS A 8 2.69 -2.37 -1.73
C CYS A 8 2.03 -1.28 -0.90
N HIS A 9 1.45 -1.66 0.21
CA HIS A 9 0.79 -0.64 1.09
C HIS A 9 1.85 -0.14 2.08
N LEU A 10 2.80 -1.00 2.32
CA LEU A 10 3.91 -0.71 3.25
C LEU A 10 4.64 0.44 2.58
N GLU A 11 4.96 0.17 1.34
CA GLU A 11 5.67 1.15 0.50
C GLU A 11 4.75 2.36 0.27
N HIS A 12 3.51 2.07 -0.10
CA HIS A 12 2.50 3.13 -0.38
C HIS A 12 1.42 3.22 0.71
N SER A 13 1.88 3.59 1.87
CA SER A 13 1.03 3.77 3.09
C SER A 13 0.60 5.24 3.10
N ASN A 14 0.77 5.83 1.95
CA ASN A 14 0.47 7.25 1.69
C ASN A 14 -0.96 7.27 1.20
N LEU A 15 -1.03 6.67 0.06
CA LEU A 15 -2.29 6.50 -0.70
C LEU A 15 -3.33 5.86 0.21
N CYS A 16 -2.91 4.74 0.76
CA CYS A 16 -3.77 3.97 1.66
C CYS A 16 -3.46 4.30 3.12
N GLY A 1 -5.80 -3.47 -4.43
CA GLY A 1 -4.66 -2.96 -5.22
C GLY A 1 -3.47 -2.73 -4.35
N CYS A 2 -2.52 -1.99 -4.87
CA CYS A 2 -1.25 -1.67 -4.14
C CYS A 2 -1.51 -1.11 -2.74
N CYS A 3 -2.54 -0.33 -2.68
CA CYS A 3 -2.93 0.29 -1.41
C CYS A 3 -3.59 -0.70 -0.47
N SER A 4 -4.20 -1.70 -1.04
CA SER A 4 -4.90 -2.71 -0.22
C SER A 4 -3.99 -3.92 -0.04
N ASN A 5 -2.85 -3.79 -0.65
CA ASN A 5 -1.79 -4.83 -0.61
C ASN A 5 -1.08 -4.65 0.71
N PRO A 6 -0.22 -5.56 1.08
CA PRO A 6 0.58 -5.44 2.29
C PRO A 6 1.86 -4.69 2.06
N VAL A 7 2.64 -5.30 1.21
CA VAL A 7 3.95 -4.76 0.83
C VAL A 7 3.86 -3.49 0.03
N CYS A 8 2.92 -3.53 -0.86
CA CYS A 8 2.68 -2.37 -1.73
C CYS A 8 2.03 -1.27 -0.90
N HIS A 9 1.45 -1.65 0.21
CA HIS A 9 0.80 -0.63 1.10
C HIS A 9 1.85 -0.14 2.08
N LEU A 10 2.80 -1.00 2.33
CA LEU A 10 3.92 -0.72 3.25
C LEU A 10 4.65 0.43 2.59
N GLU A 11 4.97 0.16 1.35
CA GLU A 11 5.66 1.15 0.51
C GLU A 11 4.75 2.36 0.27
N HIS A 12 3.53 2.08 -0.10
CA HIS A 12 2.51 3.12 -0.38
C HIS A 12 1.42 3.22 0.71
N SER A 13 1.88 3.59 1.87
CA SER A 13 1.03 3.77 3.09
C SER A 13 0.61 5.25 3.09
N ASN A 14 0.77 5.83 1.95
CA ASN A 14 0.47 7.25 1.69
C ASN A 14 -0.97 7.27 1.20
N LEU A 15 -1.03 6.66 0.05
CA LEU A 15 -2.29 6.50 -0.71
C LEU A 15 -3.32 5.85 0.20
N CYS A 16 -2.91 4.74 0.76
CA CYS A 16 -3.77 3.97 1.66
C CYS A 16 -3.45 4.30 3.12
N GLY A 1 -5.79 -3.48 -4.41
CA GLY A 1 -4.66 -2.97 -5.22
C GLY A 1 -3.46 -2.75 -4.35
N CYS A 2 -2.52 -2.00 -4.87
CA CYS A 2 -1.26 -1.68 -4.14
C CYS A 2 -1.50 -1.12 -2.75
N CYS A 3 -2.53 -0.33 -2.69
CA CYS A 3 -2.92 0.29 -1.42
C CYS A 3 -3.59 -0.70 -0.47
N SER A 4 -4.20 -1.69 -1.04
CA SER A 4 -4.89 -2.71 -0.23
C SER A 4 -3.99 -3.92 -0.04
N ASN A 5 -2.85 -3.79 -0.65
CA ASN A 5 -1.79 -4.83 -0.61
C ASN A 5 -1.08 -4.64 0.72
N PRO A 6 -0.22 -5.56 1.08
CA PRO A 6 0.58 -5.44 2.29
C PRO A 6 1.86 -4.69 2.06
N VAL A 7 2.64 -5.30 1.21
CA VAL A 7 3.95 -4.76 0.83
C VAL A 7 3.86 -3.48 0.03
N CYS A 8 2.92 -3.54 -0.85
CA CYS A 8 2.67 -2.38 -1.74
C CYS A 8 2.03 -1.28 -0.90
N HIS A 9 1.45 -1.66 0.21
CA HIS A 9 0.79 -0.63 1.09
C HIS A 9 1.85 -0.14 2.08
N LEU A 10 2.80 -1.00 2.32
CA LEU A 10 3.91 -0.72 3.24
C LEU A 10 4.64 0.44 2.58
N GLU A 11 4.96 0.17 1.34
CA GLU A 11 5.66 1.15 0.51
C GLU A 11 4.75 2.37 0.27
N HIS A 12 3.52 2.08 -0.11
CA HIS A 12 2.50 3.13 -0.38
C HIS A 12 1.42 3.22 0.71
N SER A 13 1.88 3.59 1.87
CA SER A 13 1.03 3.77 3.09
C SER A 13 0.60 5.24 3.10
N ASN A 14 0.77 5.83 1.96
CA ASN A 14 0.46 7.25 1.70
C ASN A 14 -0.96 7.27 1.21
N LEU A 15 -1.03 6.67 0.06
CA LEU A 15 -2.29 6.51 -0.70
C LEU A 15 -3.32 5.87 0.21
N CYS A 16 -2.91 4.75 0.76
CA CYS A 16 -3.77 3.97 1.66
C CYS A 16 -3.45 4.30 3.12
N GLY A 1 -5.79 -3.48 -4.41
CA GLY A 1 -4.66 -2.97 -5.22
C GLY A 1 -3.46 -2.75 -4.35
N CYS A 2 -2.53 -2.01 -4.88
CA CYS A 2 -1.25 -1.68 -4.15
C CYS A 2 -1.50 -1.12 -2.75
N CYS A 3 -2.53 -0.33 -2.69
CA CYS A 3 -2.92 0.29 -1.42
C CYS A 3 -3.59 -0.70 -0.47
N SER A 4 -4.20 -1.69 -1.04
CA SER A 4 -4.89 -2.71 -0.23
C SER A 4 -3.99 -3.92 -0.04
N ASN A 5 -2.85 -3.78 -0.65
CA ASN A 5 -1.79 -4.83 -0.61
C ASN A 5 -1.08 -4.64 0.72
N PRO A 6 -0.22 -5.56 1.08
CA PRO A 6 0.58 -5.43 2.30
C PRO A 6 1.87 -4.68 2.06
N VAL A 7 2.64 -5.30 1.21
CA VAL A 7 3.96 -4.76 0.83
C VAL A 7 3.86 -3.48 0.03
N CYS A 8 2.92 -3.54 -0.85
CA CYS A 8 2.67 -2.38 -1.74
C CYS A 8 2.03 -1.28 -0.90
N HIS A 9 1.45 -1.66 0.21
CA HIS A 9 0.80 -0.63 1.08
C HIS A 9 1.85 -0.14 2.08
N LEU A 10 2.80 -1.00 2.32
CA LEU A 10 3.91 -0.72 3.24
C LEU A 10 4.64 0.44 2.58
N GLU A 11 4.96 0.17 1.34
CA GLU A 11 5.67 1.16 0.51
C GLU A 11 4.75 2.37 0.27
N HIS A 12 3.52 2.08 -0.11
CA HIS A 12 2.50 3.14 -0.38
C HIS A 12 1.42 3.22 0.71
N SER A 13 1.88 3.59 1.87
CA SER A 13 1.03 3.77 3.09
C SER A 13 0.61 5.24 3.11
N ASN A 14 0.77 5.83 1.96
CA ASN A 14 0.46 7.25 1.70
C ASN A 14 -0.96 7.27 1.21
N LEU A 15 -1.03 6.67 0.06
CA LEU A 15 -2.29 6.51 -0.70
C LEU A 15 -3.32 5.87 0.21
N CYS A 16 -2.91 4.75 0.76
CA CYS A 16 -3.77 3.97 1.66
C CYS A 16 -3.45 4.30 3.12
N GLY A 1 -5.75 -3.41 -4.42
CA GLY A 1 -4.62 -2.88 -5.21
C GLY A 1 -3.42 -2.67 -4.34
N CYS A 2 -2.48 -1.91 -4.84
CA CYS A 2 -1.22 -1.60 -4.10
C CYS A 2 -1.49 -1.06 -2.70
N CYS A 3 -2.54 -0.30 -2.64
CA CYS A 3 -2.94 0.31 -1.37
C CYS A 3 -3.60 -0.70 -0.43
N SER A 4 -4.21 -1.70 -1.01
CA SER A 4 -4.89 -2.72 -0.20
C SER A 4 -3.98 -3.93 -0.03
N ASN A 5 -2.84 -3.78 -0.64
CA ASN A 5 -1.78 -4.81 -0.62
C ASN A 5 -1.07 -4.67 0.72
N PRO A 6 -0.20 -5.59 1.05
CA PRO A 6 0.61 -5.48 2.26
C PRO A 6 1.89 -4.72 2.04
N VAL A 7 2.66 -5.32 1.18
CA VAL A 7 3.98 -4.77 0.79
C VAL A 7 3.87 -3.49 0.03
N CYS A 8 2.92 -3.52 -0.86
CA CYS A 8 2.67 -2.35 -1.71
C CYS A 8 2.00 -1.27 -0.86
N HIS A 9 1.43 -1.68 0.25
CA HIS A 9 0.76 -0.66 1.13
C HIS A 9 1.81 -0.15 2.11
N LEU A 10 2.79 -1.00 2.34
CA LEU A 10 3.89 -0.69 3.27
C LEU A 10 4.62 0.45 2.58
N GLU A 11 4.96 0.16 1.35
CA GLU A 11 5.66 1.13 0.49
C GLU A 11 4.75 2.33 0.22
N HIS A 12 3.51 2.04 -0.09
CA HIS A 12 2.49 3.10 -0.38
C HIS A 12 1.40 3.20 0.71
N SER A 13 1.87 3.58 1.87
CA SER A 13 1.03 3.76 3.07
C SER A 13 0.60 5.23 3.08
N ASN A 14 0.77 5.82 1.92
CA ASN A 14 0.46 7.23 1.66
C ASN A 14 -0.95 7.26 1.16
N LEU A 15 -1.03 6.62 0.02
CA LEU A 15 -2.28 6.46 -0.74
C LEU A 15 -3.32 5.82 0.18
N CYS A 16 -2.91 4.72 0.75
CA CYS A 16 -3.77 3.97 1.67
C CYS A 16 -3.46 4.31 3.13
N GLY A 1 -5.79 -3.49 -4.42
CA GLY A 1 -4.66 -2.97 -5.22
C GLY A 1 -3.46 -2.76 -4.35
N CYS A 2 -2.52 -2.01 -4.87
CA CYS A 2 -1.25 -1.69 -4.15
C CYS A 2 -1.50 -1.12 -2.75
N CYS A 3 -2.53 -0.34 -2.70
CA CYS A 3 -2.91 0.29 -1.42
C CYS A 3 -3.58 -0.70 -0.48
N SER A 4 -4.20 -1.69 -1.05
CA SER A 4 -4.90 -2.70 -0.24
C SER A 4 -3.99 -3.92 -0.04
N ASN A 5 -2.85 -3.79 -0.65
CA ASN A 5 -1.79 -4.83 -0.61
C ASN A 5 -1.08 -4.64 0.72
N PRO A 6 -0.22 -5.56 1.08
CA PRO A 6 0.58 -5.43 2.30
C PRO A 6 1.86 -4.68 2.07
N VAL A 7 2.64 -5.30 1.21
CA VAL A 7 3.96 -4.76 0.83
C VAL A 7 3.85 -3.49 0.04
N CYS A 8 2.92 -3.54 -0.85
CA CYS A 8 2.68 -2.38 -1.73
C CYS A 8 2.03 -1.28 -0.90
N HIS A 9 1.45 -1.66 0.21
CA HIS A 9 0.80 -0.63 1.08
C HIS A 9 1.85 -0.14 2.08
N LEU A 10 2.80 -1.00 2.32
CA LEU A 10 3.91 -0.71 3.25
C LEU A 10 4.64 0.44 2.58
N GLU A 11 4.96 0.17 1.34
CA GLU A 11 5.67 1.15 0.50
C GLU A 11 4.75 2.36 0.27
N HIS A 12 3.52 2.08 -0.11
CA HIS A 12 2.50 3.13 -0.38
C HIS A 12 1.42 3.22 0.71
N SER A 13 1.88 3.59 1.87
CA SER A 13 1.03 3.77 3.09
C SER A 13 0.61 5.24 3.11
N ASN A 14 0.77 5.83 1.96
CA ASN A 14 0.47 7.25 1.72
C ASN A 14 -0.96 7.28 1.22
N LEU A 15 -1.03 6.68 0.06
CA LEU A 15 -2.29 6.52 -0.69
C LEU A 15 -3.32 5.87 0.21
N CYS A 16 -2.91 4.75 0.76
CA CYS A 16 -3.77 3.97 1.66
C CYS A 16 -3.45 4.30 3.12
N GLY A 1 -5.80 -3.46 -4.42
CA GLY A 1 -4.66 -2.96 -5.22
C GLY A 1 -3.46 -2.75 -4.35
N CYS A 2 -2.52 -2.00 -4.87
CA CYS A 2 -1.25 -1.68 -4.15
C CYS A 2 -1.50 -1.12 -2.75
N CYS A 3 -2.53 -0.33 -2.69
CA CYS A 3 -2.92 0.29 -1.41
C CYS A 3 -3.59 -0.70 -0.47
N SER A 4 -4.20 -1.69 -1.04
CA SER A 4 -4.90 -2.70 -0.24
C SER A 4 -3.99 -3.92 -0.04
N ASN A 5 -2.85 -3.78 -0.65
CA ASN A 5 -1.79 -4.83 -0.61
C ASN A 5 -1.08 -4.64 0.72
N PRO A 6 -0.22 -5.56 1.08
CA PRO A 6 0.58 -5.44 2.30
C PRO A 6 1.86 -4.69 2.07
N VAL A 7 2.64 -5.30 1.21
CA VAL A 7 3.96 -4.76 0.83
C VAL A 7 3.85 -3.49 0.04
N CYS A 8 2.92 -3.54 -0.85
CA CYS A 8 2.68 -2.38 -1.73
C CYS A 8 2.03 -1.28 -0.90
N HIS A 9 1.45 -1.66 0.21
CA HIS A 9 0.80 -0.63 1.08
C HIS A 9 1.85 -0.14 2.08
N LEU A 10 2.80 -1.00 2.32
CA LEU A 10 3.91 -0.71 3.25
C LEU A 10 4.64 0.44 2.58
N GLU A 11 4.96 0.17 1.34
CA GLU A 11 5.67 1.15 0.50
C GLU A 11 4.75 2.36 0.27
N HIS A 12 3.52 2.08 -0.11
CA HIS A 12 2.50 3.13 -0.38
C HIS A 12 1.42 3.22 0.71
N SER A 13 1.88 3.59 1.87
CA SER A 13 1.03 3.77 3.09
C SER A 13 0.61 5.25 3.10
N ASN A 14 0.77 5.83 1.95
CA ASN A 14 0.46 7.25 1.70
C ASN A 14 -0.96 7.27 1.21
N LEU A 15 -1.03 6.67 0.06
CA LEU A 15 -2.29 6.50 -0.70
C LEU A 15 -3.33 5.86 0.21
N CYS A 16 -2.91 4.74 0.76
CA CYS A 16 -3.77 3.97 1.66
C CYS A 16 -3.45 4.30 3.12
N GLY A 1 -5.74 -3.37 -4.46
CA GLY A 1 -4.59 -2.84 -5.23
C GLY A 1 -3.41 -2.65 -4.35
N CYS A 2 -2.46 -1.89 -4.85
CA CYS A 2 -1.21 -1.59 -4.10
C CYS A 2 -1.47 -1.05 -2.69
N CYS A 3 -2.52 -0.30 -2.64
CA CYS A 3 -2.94 0.30 -1.36
C CYS A 3 -3.60 -0.71 -0.43
N SER A 4 -4.22 -1.70 -1.01
CA SER A 4 -4.91 -2.72 -0.21
C SER A 4 -3.99 -3.93 -0.04
N ASN A 5 -2.85 -3.77 -0.64
CA ASN A 5 -1.78 -4.81 -0.62
C ASN A 5 -1.07 -4.66 0.72
N PRO A 6 -0.22 -5.57 1.06
CA PRO A 6 0.59 -5.48 2.28
C PRO A 6 1.87 -4.72 2.06
N VAL A 7 2.64 -5.31 1.20
CA VAL A 7 3.96 -4.77 0.82
C VAL A 7 3.87 -3.50 0.05
N CYS A 8 2.92 -3.52 -0.83
CA CYS A 8 2.67 -2.35 -1.68
C CYS A 8 2.00 -1.27 -0.85
N HIS A 9 1.44 -1.66 0.26
CA HIS A 9 0.78 -0.65 1.14
C HIS A 9 1.83 -0.14 2.11
N LEU A 10 2.79 -1.00 2.32
CA LEU A 10 3.92 -0.72 3.23
C LEU A 10 4.63 0.44 2.55
N GLU A 11 4.96 0.16 1.32
CA GLU A 11 5.66 1.13 0.47
C GLU A 11 4.74 2.34 0.21
N HIS A 12 3.50 2.05 -0.11
CA HIS A 12 2.48 3.10 -0.40
C HIS A 12 1.40 3.19 0.70
N SER A 13 1.87 3.58 1.86
CA SER A 13 1.03 3.76 3.06
C SER A 13 0.61 5.24 3.07
N ASN A 14 0.76 5.81 1.91
CA ASN A 14 0.46 7.22 1.64
C ASN A 14 -0.97 7.24 1.15
N LEU A 15 -1.04 6.61 0.01
CA LEU A 15 -2.30 6.44 -0.73
C LEU A 15 -3.33 5.81 0.19
N CYS A 16 -2.92 4.71 0.76
CA CYS A 16 -3.76 3.95 1.68
C CYS A 16 -3.45 4.30 3.14
N GLY A 1 -5.79 -3.50 -4.41
CA GLY A 1 -4.66 -2.97 -5.21
C GLY A 1 -3.46 -2.75 -4.35
N CYS A 2 -2.53 -2.00 -4.87
CA CYS A 2 -1.26 -1.67 -4.15
C CYS A 2 -1.51 -1.11 -2.74
N CYS A 3 -2.55 -0.33 -2.69
CA CYS A 3 -2.93 0.29 -1.41
C CYS A 3 -3.59 -0.70 -0.47
N SER A 4 -4.20 -1.69 -1.04
CA SER A 4 -4.90 -2.70 -0.22
C SER A 4 -3.99 -3.92 -0.04
N ASN A 5 -2.85 -3.78 -0.65
CA ASN A 5 -1.79 -4.82 -0.61
C ASN A 5 -1.08 -4.65 0.71
N PRO A 6 -0.22 -5.56 1.07
CA PRO A 6 0.58 -5.44 2.29
C PRO A 6 1.86 -4.69 2.06
N VAL A 7 2.64 -5.30 1.20
CA VAL A 7 3.96 -4.76 0.82
C VAL A 7 3.86 -3.48 0.03
N CYS A 8 2.92 -3.53 -0.86
CA CYS A 8 2.68 -2.37 -1.73
C CYS A 8 2.03 -1.27 -0.90
N HIS A 9 1.45 -1.65 0.21
CA HIS A 9 0.79 -0.63 1.09
C HIS A 9 1.85 -0.14 2.08
N LEU A 10 2.80 -1.00 2.32
CA LEU A 10 3.91 -0.72 3.24
C LEU A 10 4.65 0.43 2.59
N GLU A 11 4.97 0.16 1.35
CA GLU A 11 5.66 1.15 0.51
C GLU A 11 4.75 2.36 0.27
N HIS A 12 3.53 2.08 -0.10
CA HIS A 12 2.51 3.13 -0.38
C HIS A 12 1.42 3.22 0.71
N SER A 13 1.88 3.59 1.87
CA SER A 13 1.03 3.77 3.09
C SER A 13 0.60 5.24 3.10
N ASN A 14 0.77 5.83 1.95
CA ASN A 14 0.47 7.25 1.69
C ASN A 14 -0.96 7.27 1.20
N LEU A 15 -1.03 6.66 0.05
CA LEU A 15 -2.29 6.50 -0.71
C LEU A 15 -3.32 5.85 0.20
N CYS A 16 -2.91 4.74 0.75
CA CYS A 16 -3.77 3.97 1.66
C CYS A 16 -3.46 4.30 3.12
N GLY A 1 -5.34 -4.20 -4.92
CA GLY A 1 -4.62 -2.95 -5.27
C GLY A 1 -3.45 -2.74 -4.36
N CYS A 2 -2.52 -1.97 -4.86
CA CYS A 2 -1.28 -1.62 -4.10
C CYS A 2 -1.53 -1.06 -2.70
N CYS A 3 -2.58 -0.30 -2.65
CA CYS A 3 -2.97 0.31 -1.37
C CYS A 3 -3.61 -0.67 -0.42
N SER A 4 -4.24 -1.67 -0.97
CA SER A 4 -4.92 -2.68 -0.15
C SER A 4 -4.01 -3.89 0.02
N ASN A 5 -2.88 -3.76 -0.62
CA ASN A 5 -1.82 -4.80 -0.60
C ASN A 5 -1.10 -4.65 0.73
N PRO A 6 -0.24 -5.56 1.06
CA PRO A 6 0.58 -5.46 2.27
C PRO A 6 1.86 -4.71 2.04
N VAL A 7 2.63 -5.31 1.17
CA VAL A 7 3.95 -4.76 0.79
C VAL A 7 3.84 -3.49 0.02
N CYS A 8 2.90 -3.53 -0.87
CA CYS A 8 2.65 -2.36 -1.74
C CYS A 8 2.00 -1.27 -0.89
N HIS A 9 1.44 -1.66 0.21
CA HIS A 9 0.77 -0.64 1.10
C HIS A 9 1.83 -0.14 2.09
N LEU A 10 2.79 -1.00 2.32
CA LEU A 10 3.90 -0.71 3.24
C LEU A 10 4.63 0.43 2.57
N GLU A 11 4.95 0.16 1.33
CA GLU A 11 5.66 1.13 0.48
C GLU A 11 4.74 2.35 0.22
N HIS A 12 3.50 2.07 -0.11
CA HIS A 12 2.49 3.12 -0.39
C HIS A 12 1.41 3.22 0.72
N SER A 13 1.88 3.59 1.87
CA SER A 13 1.05 3.77 3.09
C SER A 13 0.63 5.25 3.10
N ASN A 14 0.80 5.84 1.96
CA ASN A 14 0.49 7.25 1.70
C ASN A 14 -0.94 7.29 1.22
N LEU A 15 -1.02 6.68 0.07
CA LEU A 15 -2.28 6.53 -0.68
C LEU A 15 -3.31 5.89 0.23
N CYS A 16 -2.91 4.78 0.78
CA CYS A 16 -3.76 4.01 1.69
C CYS A 16 -3.44 4.34 3.15
N GLY A 1 -5.79 -3.48 -4.41
CA GLY A 1 -4.66 -2.97 -5.21
C GLY A 1 -3.46 -2.75 -4.35
N CYS A 2 -2.53 -2.00 -4.87
CA CYS A 2 -1.26 -1.68 -4.15
C CYS A 2 -1.51 -1.11 -2.74
N CYS A 3 -2.54 -0.33 -2.68
CA CYS A 3 -2.93 0.29 -1.41
C CYS A 3 -3.59 -0.70 -0.47
N SER A 4 -4.20 -1.69 -1.04
CA SER A 4 -4.90 -2.70 -0.22
C SER A 4 -3.99 -3.92 -0.04
N ASN A 5 -2.85 -3.78 -0.65
CA ASN A 5 -1.79 -4.83 -0.61
C ASN A 5 -1.07 -4.65 0.72
N PRO A 6 -0.22 -5.56 1.08
CA PRO A 6 0.58 -5.44 2.29
C PRO A 6 1.86 -4.69 2.06
N VAL A 7 2.64 -5.30 1.21
CA VAL A 7 3.96 -4.76 0.82
C VAL A 7 3.86 -3.48 0.03
N CYS A 8 2.92 -3.53 -0.85
CA CYS A 8 2.68 -2.37 -1.73
C CYS A 8 2.03 -1.27 -0.90
N HIS A 9 1.45 -1.66 0.21
CA HIS A 9 0.79 -0.63 1.09
C HIS A 9 1.85 -0.14 2.08
N LEU A 10 2.80 -1.00 2.32
CA LEU A 10 3.91 -0.72 3.24
C LEU A 10 4.64 0.44 2.58
N GLU A 11 4.96 0.17 1.34
CA GLU A 11 5.67 1.16 0.51
C GLU A 11 4.75 2.37 0.27
N HIS A 12 3.53 2.08 -0.10
CA HIS A 12 2.51 3.13 -0.38
C HIS A 12 1.42 3.22 0.71
N SER A 13 1.88 3.59 1.87
CA SER A 13 1.03 3.77 3.09
C SER A 13 0.60 5.24 3.10
N ASN A 14 0.77 5.83 1.95
CA ASN A 14 0.46 7.25 1.70
C ASN A 14 -0.96 7.27 1.20
N LEU A 15 -1.03 6.67 0.06
CA LEU A 15 -2.27 6.50 -0.71
C LEU A 15 -3.32 5.85 0.20
N CYS A 16 -2.91 4.74 0.76
CA CYS A 16 -3.77 3.97 1.66
C CYS A 16 -3.46 4.30 3.12
N GLY A 1 -5.34 -4.20 -4.90
CA GLY A 1 -4.62 -2.96 -5.25
C GLY A 1 -3.46 -2.74 -4.35
N CYS A 2 -2.53 -1.97 -4.85
CA CYS A 2 -1.28 -1.62 -4.10
C CYS A 2 -1.54 -1.06 -2.71
N CYS A 3 -2.58 -0.30 -2.64
CA CYS A 3 -2.96 0.32 -1.37
C CYS A 3 -3.61 -0.67 -0.41
N SER A 4 -4.24 -1.67 -0.96
CA SER A 4 -4.92 -2.68 -0.14
C SER A 4 -4.01 -3.89 0.02
N ASN A 5 -2.87 -3.75 -0.60
CA ASN A 5 -1.82 -4.80 -0.60
C ASN A 5 -1.10 -4.65 0.73
N PRO A 6 -0.24 -5.56 1.06
CA PRO A 6 0.58 -5.47 2.27
C PRO A 6 1.86 -4.71 2.04
N VAL A 7 2.62 -5.32 1.17
CA VAL A 7 3.95 -4.77 0.78
C VAL A 7 3.85 -3.49 0.01
N CYS A 8 2.90 -3.52 -0.88
CA CYS A 8 2.65 -2.36 -1.74
C CYS A 8 2.01 -1.26 -0.89
N HIS A 9 1.43 -1.65 0.22
CA HIS A 9 0.78 -0.63 1.10
C HIS A 9 1.84 -0.15 2.09
N LEU A 10 2.79 -1.02 2.29
CA LEU A 10 3.91 -0.76 3.21
C LEU A 10 4.63 0.41 2.56
N GLU A 11 4.95 0.16 1.32
CA GLU A 11 5.66 1.14 0.49
C GLU A 11 4.73 2.36 0.25
N HIS A 12 3.51 2.08 -0.11
CA HIS A 12 2.49 3.12 -0.39
C HIS A 12 1.41 3.22 0.72
N SER A 13 1.88 3.59 1.87
CA SER A 13 1.03 3.77 3.09
C SER A 13 0.63 5.25 3.10
N ASN A 14 0.79 5.84 1.95
CA ASN A 14 0.49 7.26 1.70
C ASN A 14 -0.93 7.29 1.21
N LEU A 15 -1.01 6.68 0.06
CA LEU A 15 -2.28 6.52 -0.69
C LEU A 15 -3.31 5.89 0.23
N CYS A 16 -2.91 4.78 0.78
CA CYS A 16 -3.77 4.01 1.69
C CYS A 16 -3.45 4.35 3.15
#